data_5UBZ
#
_entry.id   5UBZ
#
_cell.length_a   79.174
_cell.length_b   79.174
_cell.length_c   124.377
_cell.angle_alpha   90.00
_cell.angle_beta   90.00
_cell.angle_gamma   90.00
#
_symmetry.space_group_name_H-M   'P 43 21 2'
#
loop_
_entity.id
_entity.type
_entity.pdbx_description
1 polymer 'Anti-HIV1 gp120 mAb 1E12 Fab heavy chain'
2 polymer 'Anti-HIV1 gp120 mAb 1E12 Fab light chain'
3 water water
#
loop_
_entity_poly.entity_id
_entity_poly.type
_entity_poly.pdbx_seq_one_letter_code
_entity_poly.pdbx_strand_id
1 'polypeptide(L)'
;QVQLQESGPRLVKPSDTLSLTCTVSGGSITSDSHYWGWVRQSPGKGLEWIASTSDSGSTYHNRPIYYNPSLKSRVTISVA
TSKNQFSLKLRSVTAADTAMYYCVRQWRYSSGSLDCWGQGILVTVSSASTKGPSVFPLAPSSKSTSGGTAALGCLVKDYF
PEPVTVSWNSGALTSGVHTFPAVLQSSGLYSLSSVVTVPSSSLGTQTYICNVNHKPSNTKVDKRVEPK
;
H
2 'polypeptide(L)'
;QAVVTQPPSASGTPGQRVTISCSGSSSNIGSNTVNWYQQLPGLAPKLLIYSSNQRPSGVPDRFSGSKSGTSASLAISGLQ
SEDEAHYYCATWDDSLNGVIFGGGTKLTVLGQPKAAPSVTLFPPSSEELQANKATLVCLISDFYPGAVTVAWKADSSPVK
AGVETTTPSKQSNNKYAASSYLSLTPEQWKSHRSYSCQVTHEGSTVEKTVAPT
;
L
#
# COMPACT_ATOMS: atom_id res chain seq x y z
N GLN A 1 -15.53 8.26 15.55
CA GLN A 1 -14.74 9.24 14.78
C GLN A 1 -13.32 9.40 15.36
N VAL A 2 -12.63 8.28 15.43
CA VAL A 2 -11.32 8.16 16.06
C VAL A 2 -10.25 8.02 14.98
N GLN A 3 -9.12 8.70 15.16
CA GLN A 3 -7.95 8.53 14.30
C GLN A 3 -6.96 7.57 14.95
N LEU A 4 -6.44 6.61 14.17
CA LEU A 4 -5.52 5.61 14.68
C LEU A 4 -4.23 5.70 13.89
N GLN A 5 -3.10 5.83 14.57
CA GLN A 5 -1.82 5.83 13.89
C GLN A 5 -0.88 4.83 14.54
N GLU A 6 -0.05 4.19 13.73
CA GLU A 6 0.94 3.23 14.19
C GLU A 6 2.32 3.84 14.14
N SER A 7 3.17 3.39 15.06
CA SER A 7 4.58 3.74 15.06
C SER A 7 5.36 2.62 15.72
N GLY A 8 6.64 2.53 15.35
CA GLY A 8 7.57 1.59 15.94
C GLY A 8 8.70 1.31 14.98
N PRO A 9 9.69 0.53 15.40
CA PRO A 9 10.81 0.19 14.49
C PRO A 9 10.33 -0.58 13.27
N ARG A 10 10.64 -0.03 12.10
CA ARG A 10 10.22 -0.61 10.83
C ARG A 10 10.95 -1.91 10.49
N LEU A 11 12.15 -2.09 11.01
CA LEU A 11 13.07 -3.12 10.54
C LEU A 11 13.54 -3.97 11.73
N VAL A 12 12.97 -5.15 11.87
CA VAL A 12 13.35 -6.10 12.91
C VAL A 12 14.26 -7.19 12.32
N LYS A 13 15.24 -7.66 13.13
CA LYS A 13 16.17 -8.73 12.77
C LYS A 13 15.54 -10.09 13.07
N PRO A 14 15.94 -11.14 12.34
CA PRO A 14 15.36 -12.47 12.58
C PRO A 14 15.47 -12.90 14.03
N SER A 15 14.35 -13.37 14.59
CA SER A 15 14.21 -13.86 15.97
C SER A 15 14.28 -12.75 17.02
N ASP A 16 14.44 -11.49 16.60
CA ASP A 16 14.27 -10.34 17.46
C ASP A 16 12.81 -10.17 17.87
N THR A 17 12.52 -9.16 18.69
CA THR A 17 11.14 -8.87 19.06
C THR A 17 10.65 -7.66 18.29
N LEU A 18 9.47 -7.78 17.72
CA LEU A 18 8.84 -6.68 17.03
C LEU A 18 7.93 -6.02 18.04
N SER A 19 7.91 -4.69 18.04
CA SER A 19 7.11 -3.96 19.01
C SER A 19 6.64 -2.67 18.36
N LEU A 20 5.35 -2.55 18.20
CA LEU A 20 4.75 -1.36 17.62
C LEU A 20 3.88 -0.70 18.66
N THR A 21 3.38 0.48 18.32
CA THR A 21 2.54 1.25 19.22
C THR A 21 1.42 1.90 18.40
N CYS A 22 0.24 1.99 18.99
CA CYS A 22 -0.90 2.61 18.36
C CYS A 22 -1.26 3.89 19.11
N THR A 23 -1.28 5.02 18.40
CA THR A 23 -1.61 6.32 18.97
C THR A 23 -3.03 6.69 18.56
N VAL A 24 -3.93 6.72 19.56
CA VAL A 24 -5.33 7.05 19.37
C VAL A 24 -5.50 8.55 19.47
N SER A 25 -5.84 9.18 18.35
CA SER A 25 -5.85 10.62 18.23
C SER A 25 -7.22 11.14 17.85
N GLY A 26 -8.26 10.88 18.65
CA GLY A 26 -9.57 11.39 18.32
C GLY A 26 -10.57 11.38 19.46
N GLY A 27 -10.34 10.50 20.41
CA GLY A 27 -11.19 10.41 21.57
C GLY A 27 -10.35 9.80 22.66
N SER A 28 -11.02 9.36 23.73
CA SER A 28 -10.31 8.83 24.88
C SER A 28 -10.34 7.31 24.86
N ILE A 29 -9.18 6.72 25.11
CA ILE A 29 -8.94 5.30 24.85
C ILE A 29 -9.73 4.42 25.81
N THR A 30 -10.57 5.02 26.64
CA THR A 30 -11.39 4.27 27.57
C THR A 30 -12.83 4.24 27.04
N SER A 31 -13.35 3.02 26.84
CA SER A 31 -14.75 2.83 26.44
C SER A 31 -15.15 1.38 26.67
N ASP A 32 -16.24 1.19 27.42
CA ASP A 32 -16.80 -0.13 27.72
C ASP A 32 -17.58 -0.70 26.55
N SER A 33 -17.46 -0.11 25.36
CA SER A 33 -18.07 -0.62 24.15
C SER A 33 -17.07 -1.10 23.11
N HIS A 34 -15.80 -0.75 23.25
CA HIS A 34 -14.78 -1.06 22.25
C HIS A 34 -13.61 -1.80 22.88
N TYR A 35 -13.09 -2.78 22.15
CA TYR A 35 -11.75 -3.31 22.37
C TYR A 35 -10.76 -2.62 21.41
N TRP A 36 -9.46 -2.85 21.63
CA TRP A 36 -8.41 -2.27 20.81
C TRP A 36 -7.49 -3.38 20.31
N GLY A 37 -7.11 -3.33 19.03
CA GLY A 37 -6.58 -4.52 18.41
C GLY A 37 -5.55 -4.28 17.33
N TRP A 38 -5.04 -5.41 16.82
CA TRP A 38 -3.99 -5.46 15.81
C TRP A 38 -4.33 -6.48 14.74
N VAL A 39 -4.13 -6.09 13.49
CA VAL A 39 -4.33 -6.93 12.32
C VAL A 39 -3.09 -6.76 11.45
N ARG A 40 -2.71 -7.83 10.73
CA ARG A 40 -1.56 -7.81 9.83
C ARG A 40 -1.90 -8.46 8.50
N GLN A 41 -1.01 -8.30 7.53
CA GLN A 41 -1.27 -8.72 6.16
C GLN A 41 0.07 -8.91 5.43
N SER A 42 0.46 -10.15 5.17
CA SER A 42 1.73 -10.33 4.47
C SER A 42 1.56 -9.87 3.03
N PRO A 43 2.61 -9.30 2.41
CA PRO A 43 2.47 -8.72 1.06
C PRO A 43 1.89 -9.66 0.01
N GLY A 44 0.73 -9.28 -0.55
CA GLY A 44 0.04 -10.11 -1.52
C GLY A 44 -0.91 -11.12 -0.92
N LYS A 45 -0.81 -11.39 0.38
CA LYS A 45 -1.59 -12.39 1.07
C LYS A 45 -2.88 -11.77 1.62
N GLY A 46 -3.55 -12.51 2.51
CA GLY A 46 -4.79 -12.07 3.11
C GLY A 46 -4.58 -11.44 4.49
N LEU A 47 -5.70 -11.08 5.12
CA LEU A 47 -5.69 -10.41 6.42
C LEU A 47 -5.66 -11.43 7.55
N GLU A 48 -4.90 -11.15 8.60
CA GLU A 48 -4.86 -12.03 9.75
C GLU A 48 -4.97 -11.20 11.03
N TRP A 49 -6.05 -11.41 11.78
CA TRP A 49 -6.24 -10.75 13.06
C TRP A 49 -5.28 -11.33 14.07
N ILE A 50 -4.71 -10.47 14.93
CA ILE A 50 -3.67 -10.93 15.84
C ILE A 50 -4.19 -11.08 17.26
N ALA A 51 -4.71 -9.99 17.84
CA ALA A 51 -5.17 -9.96 19.23
C ALA A 51 -5.86 -8.64 19.48
N SER A 52 -6.76 -8.65 20.46
CA SER A 52 -7.37 -7.41 20.94
C SER A 52 -7.59 -7.46 22.44
N THR A 53 -7.41 -6.31 23.09
CA THR A 53 -7.53 -6.14 24.53
C THR A 53 -8.64 -5.14 24.84
N SER A 54 -9.13 -5.17 26.08
CA SER A 54 -10.21 -4.29 26.51
C SER A 54 -9.69 -3.19 27.43
N ASP A 55 -10.25 -2.00 27.27
CA ASP A 55 -10.10 -0.94 28.26
C ASP A 55 -11.28 0.01 28.14
N SER A 56 -11.92 0.31 29.28
CA SER A 56 -11.51 -0.31 30.54
C SER A 56 -12.46 -1.45 30.94
N GLY A 57 -12.01 -2.23 31.91
CA GLY A 57 -12.79 -3.31 32.48
C GLY A 57 -12.54 -3.40 33.97
N SER A 58 -13.00 -2.37 34.70
CA SER A 58 -12.83 -2.29 36.16
C SER A 58 -13.97 -3.01 36.87
N THR A 59 -14.83 -2.26 37.57
CA THR A 59 -15.90 -2.87 38.36
C THR A 59 -16.98 -3.51 37.50
N TYR A 60 -17.25 -2.95 36.30
CA TYR A 60 -18.37 -3.39 35.49
C TYR A 60 -18.14 -4.75 34.84
N HIS A 61 -17.76 -4.77 33.57
CA HIS A 61 -17.60 -6.04 32.86
C HIS A 61 -16.31 -6.75 33.30
N ASN A 62 -15.44 -7.05 32.36
CA ASN A 62 -14.15 -7.66 32.69
C ASN A 62 -13.11 -7.00 31.81
N ARG A 63 -11.89 -7.54 31.84
CA ARG A 63 -10.81 -7.13 30.93
C ARG A 63 -10.43 -8.34 30.06
N PRO A 64 -11.31 -8.75 29.14
CA PRO A 64 -11.03 -9.96 28.37
C PRO A 64 -9.90 -9.71 27.38
N ILE A 65 -8.99 -10.67 27.29
CA ILE A 65 -7.84 -10.56 26.39
C ILE A 65 -7.91 -11.72 25.40
N TYR A 66 -8.18 -11.39 24.13
CA TYR A 66 -8.36 -12.37 23.06
C TYR A 66 -7.14 -12.45 22.15
N TYR A 67 -6.76 -13.66 21.75
CA TYR A 67 -5.57 -13.90 20.91
C TYR A 67 -5.90 -14.83 19.75
N ASN A 68 -5.27 -14.58 18.60
CA ASN A 68 -5.26 -15.61 17.55
C ASN A 68 -4.37 -16.77 17.97
N PRO A 69 -4.90 -18.00 18.06
CA PRO A 69 -4.14 -19.11 18.65
C PRO A 69 -2.76 -19.34 18.05
N SER A 70 -2.61 -19.24 16.73
CA SER A 70 -1.33 -19.53 16.10
C SER A 70 -0.19 -18.63 16.60
N LEU A 71 -0.52 -17.52 17.24
CA LEU A 71 0.49 -16.56 17.67
C LEU A 71 0.48 -16.29 19.17
N LYS A 72 -0.33 -17.02 19.96
CA LYS A 72 -0.50 -16.69 21.38
C LYS A 72 0.80 -16.87 22.15
N SER A 73 1.57 -17.88 21.80
CA SER A 73 2.88 -18.09 22.42
C SER A 73 3.80 -16.88 22.27
N ARG A 74 3.65 -16.10 21.21
CA ARG A 74 4.63 -15.10 20.80
C ARG A 74 4.19 -13.65 21.07
N VAL A 75 3.01 -13.43 21.61
CA VAL A 75 2.40 -12.12 21.47
C VAL A 75 2.06 -11.54 22.84
N THR A 76 2.19 -10.22 22.92
CA THR A 76 1.76 -9.48 24.09
C THR A 76 1.02 -8.23 23.61
N ILE A 77 -0.07 -7.89 24.28
CA ILE A 77 -0.84 -6.69 23.99
C ILE A 77 -0.96 -5.86 25.26
N SER A 78 -0.84 -4.54 25.13
CA SER A 78 -0.71 -3.66 26.27
C SER A 78 -1.39 -2.33 25.99
N VAL A 79 -2.00 -1.73 27.01
CA VAL A 79 -2.54 -0.38 26.92
C VAL A 79 -1.71 0.51 27.83
N ALA A 80 -1.56 1.77 27.43
CA ALA A 80 -1.06 2.84 28.30
C ALA A 80 -2.18 3.88 28.36
N THR A 81 -3.23 3.58 29.15
CA THR A 81 -4.40 4.45 29.24
C THR A 81 -4.01 5.90 29.38
N SER A 82 -3.00 6.16 30.20
CA SER A 82 -2.56 7.51 30.52
C SER A 82 -2.00 8.26 29.31
N LYS A 83 -1.43 7.55 28.34
CA LYS A 83 -0.80 8.20 27.19
C LYS A 83 -1.64 8.08 25.91
N ASN A 84 -2.85 7.53 26.01
CA ASN A 84 -3.76 7.32 24.88
C ASN A 84 -3.17 6.38 23.83
N GLN A 85 -2.62 5.26 24.29
CA GLN A 85 -1.89 4.36 23.41
C GLN A 85 -2.13 2.91 23.80
N PHE A 86 -2.02 2.02 22.81
CA PHE A 86 -1.91 0.59 23.07
C PHE A 86 -0.78 0.01 22.21
N SER A 87 -0.41 -1.23 22.51
CA SER A 87 0.86 -1.75 22.04
C SER A 87 0.77 -3.22 21.68
N LEU A 88 1.70 -3.66 20.84
CA LEU A 88 1.81 -5.04 20.39
C LEU A 88 3.27 -5.44 20.35
N LYS A 89 3.60 -6.50 21.06
CA LYS A 89 4.93 -7.09 20.95
C LYS A 89 4.82 -8.42 20.22
N LEU A 90 5.66 -8.62 19.20
CA LEU A 90 5.71 -9.91 18.51
C LEU A 90 7.07 -10.48 18.72
N ARG A 91 7.15 -11.56 19.49
CA ARG A 91 8.42 -12.17 19.83
C ARG A 91 8.84 -13.18 18.77
N SER A 92 10.16 -13.25 18.55
CA SER A 92 10.79 -14.31 17.78
C SER A 92 10.39 -14.27 16.31
N VAL A 93 10.47 -13.07 15.72
CA VAL A 93 9.99 -12.84 14.36
C VAL A 93 10.78 -13.69 13.36
N THR A 94 10.07 -14.28 12.44
CA THR A 94 10.63 -14.90 11.26
C THR A 94 10.35 -14.01 10.05
N ALA A 95 10.85 -14.40 8.89
CA ALA A 95 10.46 -13.65 7.69
C ALA A 95 8.99 -13.87 7.37
N ALA A 96 8.37 -14.87 7.96
CA ALA A 96 6.95 -15.03 7.72
C ALA A 96 6.17 -14.10 8.50
N ASP A 97 6.86 -13.10 9.06
CA ASP A 97 6.28 -12.06 9.89
C ASP A 97 6.39 -10.67 9.28
N THR A 98 7.07 -10.53 8.14
CA THR A 98 6.99 -9.32 7.34
C THR A 98 5.55 -9.04 6.96
N ALA A 99 5.03 -7.86 7.34
CA ALA A 99 3.64 -7.50 7.05
C ALA A 99 3.40 -6.03 7.31
N MET A 100 2.39 -5.48 6.61
CA MET A 100 1.72 -4.27 7.08
C MET A 100 1.00 -4.63 8.37
N TYR A 101 1.29 -3.91 9.45
CA TYR A 101 0.51 -4.08 10.67
C TYR A 101 -0.47 -2.91 10.82
N TYR A 102 -1.69 -3.24 11.24
CA TYR A 102 -2.77 -2.27 11.38
C TYR A 102 -3.24 -2.17 12.82
N CYS A 103 -3.48 -0.95 13.30
CA CYS A 103 -4.34 -0.72 14.45
C CYS A 103 -5.79 -0.79 14.03
N VAL A 104 -6.59 -1.45 14.85
CA VAL A 104 -8.02 -1.46 14.62
C VAL A 104 -8.72 -1.18 15.95
N ARG A 105 -9.77 -0.38 15.90
CA ARG A 105 -10.74 -0.31 17.00
C ARG A 105 -11.83 -1.32 16.73
N GLN A 106 -12.02 -2.25 17.66
CA GLN A 106 -12.95 -3.36 17.55
C GLN A 106 -14.20 -3.10 18.40
N TRP A 107 -15.30 -3.77 18.06
CA TRP A 107 -16.59 -3.55 18.71
C TRP A 107 -16.96 -4.76 19.56
N ARG A 108 -17.32 -4.50 20.83
CA ARG A 108 -17.57 -5.56 21.80
C ARG A 108 -18.68 -6.51 21.35
N TYR A 109 -19.46 -6.11 20.35
CA TYR A 109 -20.59 -6.89 19.83
C TYR A 109 -20.41 -7.05 18.32
N SER A 110 -21.24 -7.93 17.74
CA SER A 110 -21.21 -8.20 16.30
C SER A 110 -19.88 -8.83 15.87
N SER A 111 -19.50 -9.91 16.56
CA SER A 111 -18.37 -10.75 16.17
C SER A 111 -17.06 -9.97 16.02
N GLY A 112 -16.99 -8.78 16.61
CA GLY A 112 -15.76 -8.02 16.58
C GLY A 112 -15.58 -7.21 15.32
N SER A 113 -16.55 -6.37 14.99
CA SER A 113 -16.42 -5.47 13.86
C SER A 113 -15.21 -4.55 14.07
N LEU A 114 -14.27 -4.61 13.15
CA LEU A 114 -13.12 -3.72 13.17
C LEU A 114 -13.54 -2.44 12.44
N ASP A 115 -13.86 -1.39 13.21
CA ASP A 115 -14.59 -0.27 12.64
C ASP A 115 -13.72 0.95 12.36
N CYS A 116 -12.60 1.13 13.03
CA CYS A 116 -11.67 2.20 12.69
C CYS A 116 -10.31 1.60 12.47
N TRP A 117 -9.64 1.98 11.36
CA TRP A 117 -8.34 1.44 11.00
C TRP A 117 -7.32 2.55 10.88
N GLY A 118 -6.12 2.29 11.45
CA GLY A 118 -4.95 3.10 11.17
C GLY A 118 -4.41 2.83 9.77
N GLN A 119 -3.57 3.73 9.27
CA GLN A 119 -3.16 3.62 7.87
C GLN A 119 -2.25 2.43 7.62
N GLY A 120 -1.51 1.98 8.63
CA GLY A 120 -0.70 0.79 8.58
C GLY A 120 0.79 1.11 8.57
N ILE A 121 1.59 0.16 9.08
CA ILE A 121 3.04 0.28 9.18
C ILE A 121 3.65 -1.01 8.64
N LEU A 122 4.54 -0.88 7.66
CA LEU A 122 5.22 -2.02 7.06
C LEU A 122 6.47 -2.35 7.89
N VAL A 123 6.48 -3.53 8.51
CA VAL A 123 7.61 -4.03 9.29
C VAL A 123 8.25 -5.17 8.52
N THR A 124 9.52 -5.02 8.20
CA THR A 124 10.30 -5.99 7.43
C THR A 124 11.22 -6.76 8.38
N VAL A 125 11.24 -8.09 8.26
CA VAL A 125 12.17 -8.94 9.00
C VAL A 125 13.34 -9.28 8.09
N SER A 126 14.56 -8.92 8.53
CA SER A 126 15.72 -9.01 7.66
C SER A 126 16.98 -8.87 8.50
N SER A 127 18.06 -9.49 8.04
CA SER A 127 19.39 -9.31 8.59
C SER A 127 20.15 -8.15 7.95
N ALA A 128 19.64 -7.60 6.86
CA ALA A 128 20.28 -6.44 6.25
C ALA A 128 20.12 -5.22 7.13
N SER A 129 21.05 -4.29 6.96
CA SER A 129 20.99 -3.06 7.71
C SER A 129 20.25 -2.02 6.90
N THR A 130 19.69 -1.03 7.59
CA THR A 130 18.99 0.05 6.90
C THR A 130 19.94 0.80 6.00
N LYS A 131 19.41 1.29 4.88
CA LYS A 131 20.11 2.30 4.11
C LYS A 131 19.13 3.39 3.71
N GLY A 132 19.39 4.61 4.20
CA GLY A 132 18.65 5.76 3.77
C GLY A 132 18.99 6.02 2.32
N PRO A 133 18.11 6.70 1.60
CA PRO A 133 18.29 6.83 0.16
C PRO A 133 19.29 7.91 -0.23
N SER A 134 19.25 8.27 -1.49
CA SER A 134 19.87 9.49 -1.97
C SER A 134 18.90 10.06 -2.97
N VAL A 135 18.74 11.38 -2.98
CA VAL A 135 17.77 12.03 -3.84
C VAL A 135 18.52 12.83 -4.88
N PHE A 136 18.12 12.69 -6.13
CA PHE A 136 18.72 13.52 -7.16
C PHE A 136 17.64 14.29 -7.90
N PRO A 137 17.88 15.57 -8.19
CA PRO A 137 16.84 16.39 -8.81
C PRO A 137 16.67 15.99 -10.25
N LEU A 138 15.41 15.94 -10.70
CA LEU A 138 15.09 15.64 -12.09
C LEU A 138 14.47 16.87 -12.73
N ALA A 139 15.24 17.53 -13.68
CA ALA A 139 14.79 18.75 -14.35
C ALA A 139 14.32 18.44 -15.77
N PRO A 140 13.36 19.24 -16.30
CA PRO A 140 12.77 19.02 -17.63
C PRO A 140 13.49 19.76 -18.77
N GLY A 147 4.84 19.62 -24.12
CA GLY A 147 4.35 20.87 -24.67
C GLY A 147 3.17 21.46 -23.91
N GLY A 148 3.36 22.69 -23.42
CA GLY A 148 2.41 23.27 -22.48
C GLY A 148 2.71 22.79 -21.08
N THR A 149 2.56 21.48 -20.86
CA THR A 149 2.83 20.85 -19.58
C THR A 149 4.29 20.43 -19.49
N ALA A 150 4.98 20.85 -18.43
CA ALA A 150 6.35 20.44 -18.13
C ALA A 150 6.37 19.51 -16.91
N ALA A 151 7.28 18.55 -16.92
CA ALA A 151 7.31 17.51 -15.90
C ALA A 151 8.62 17.57 -15.12
N LEU A 152 8.50 17.43 -13.80
CA LEU A 152 9.55 17.78 -12.84
C LEU A 152 9.53 16.76 -11.71
N GLY A 153 10.69 16.44 -11.15
CA GLY A 153 10.69 15.31 -10.23
C GLY A 153 11.92 15.12 -9.37
N CYS A 154 11.83 14.12 -8.49
CA CYS A 154 12.90 13.64 -7.63
C CYS A 154 13.08 12.15 -7.82
N LEU A 155 14.32 11.70 -7.70
CA LEU A 155 14.69 10.30 -7.81
C LEU A 155 15.24 9.87 -6.48
N VAL A 156 14.59 8.91 -5.83
CA VAL A 156 14.96 8.45 -4.50
C VAL A 156 15.74 7.16 -4.71
N LYS A 157 17.06 7.23 -4.55
CA LYS A 157 17.98 6.24 -5.09
C LYS A 157 18.48 5.35 -3.96
N ASP A 158 18.43 4.03 -4.19
CA ASP A 158 18.96 2.97 -3.33
C ASP A 158 18.59 3.15 -1.86
N TYR A 159 17.45 2.62 -1.43
CA TYR A 159 17.13 2.57 -0.01
C TYR A 159 16.70 1.16 0.37
N PHE A 160 16.70 0.87 1.68
CA PHE A 160 16.20 -0.38 2.24
C PHE A 160 15.83 -0.15 3.69
N PRO A 161 14.67 -0.62 4.16
CA PRO A 161 13.59 -1.25 3.38
C PRO A 161 12.49 -0.30 2.96
N GLU A 162 11.43 -0.83 2.37
CA GLU A 162 10.24 -0.07 2.06
C GLU A 162 9.63 0.45 3.36
N PRO A 163 8.94 1.61 3.32
CA PRO A 163 8.71 2.52 2.21
C PRO A 163 9.47 3.81 2.35
N VAL A 164 9.49 4.64 1.31
CA VAL A 164 9.81 6.06 1.43
C VAL A 164 8.58 6.84 0.98
N THR A 165 8.20 7.86 1.73
CA THR A 165 7.17 8.78 1.28
C THR A 165 7.82 10.03 0.73
N VAL A 166 7.18 10.65 -0.26
CA VAL A 166 7.68 11.88 -0.84
C VAL A 166 6.55 12.89 -0.94
N SER A 167 6.76 14.06 -0.36
CA SER A 167 5.84 15.19 -0.49
C SER A 167 6.57 16.33 -1.19
N TRP A 168 5.79 17.34 -1.58
CA TRP A 168 6.33 18.49 -2.28
C TRP A 168 5.99 19.77 -1.52
N ASN A 169 6.99 20.65 -1.39
CA ASN A 169 6.80 21.95 -0.76
C ASN A 169 6.11 21.78 0.58
N SER A 170 6.63 20.83 1.35
CA SER A 170 6.18 20.54 2.71
C SER A 170 4.67 20.34 2.75
N GLY A 171 4.18 19.58 1.79
CA GLY A 171 2.78 19.21 1.77
C GLY A 171 1.86 20.20 1.10
N ALA A 172 2.36 21.41 0.79
CA ALA A 172 1.53 22.42 0.13
C ALA A 172 1.10 21.99 -1.25
N LEU A 173 2.02 21.39 -2.00
CA LEU A 173 1.79 21.03 -3.40
C LEU A 173 1.34 19.58 -3.42
N THR A 174 0.09 19.36 -3.78
CA THR A 174 -0.41 18.03 -4.02
C THR A 174 -1.08 17.91 -5.38
N SER A 175 -1.41 19.01 -6.02
CA SER A 175 -2.00 18.99 -7.35
C SER A 175 -0.95 18.57 -8.36
N GLY A 176 -1.27 17.54 -9.16
CA GLY A 176 -0.38 17.07 -10.20
C GLY A 176 0.81 16.25 -9.74
N VAL A 177 0.82 15.79 -8.49
CA VAL A 177 1.89 14.94 -7.99
C VAL A 177 1.56 13.47 -8.23
N HIS A 178 2.54 12.73 -8.78
CA HIS A 178 2.49 11.28 -9.00
C HIS A 178 3.73 10.63 -8.40
N THR A 179 3.56 9.85 -7.35
CA THR A 179 4.66 9.12 -6.76
C THR A 179 4.54 7.65 -7.18
N PHE A 180 5.60 7.12 -7.88
CA PHE A 180 5.59 5.81 -8.52
C PHE A 180 6.09 4.74 -7.55
N PRO A 181 5.54 3.52 -7.66
CA PRO A 181 6.03 2.40 -6.82
C PRO A 181 7.46 2.01 -7.15
N ALA A 182 8.17 1.54 -6.13
CA ALA A 182 9.61 1.30 -6.22
C ALA A 182 9.95 0.05 -7.03
N VAL A 183 11.05 0.15 -7.81
CA VAL A 183 11.75 -0.98 -8.39
C VAL A 183 12.62 -1.61 -7.31
N LEU A 184 12.70 -2.94 -7.30
CA LEU A 184 13.64 -3.65 -6.43
C LEU A 184 14.84 -4.02 -7.27
N GLN A 185 15.94 -3.31 -7.09
CA GLN A 185 17.14 -3.51 -7.91
C GLN A 185 17.74 -4.91 -7.67
N SER A 186 18.73 -5.25 -8.52
CA SER A 186 19.51 -6.47 -8.32
C SER A 186 20.36 -6.40 -7.05
N SER A 187 20.65 -5.21 -6.54
CA SER A 187 21.46 -4.99 -5.36
C SER A 187 20.69 -5.16 -4.04
N GLY A 188 19.43 -5.60 -4.10
CA GLY A 188 18.64 -5.79 -2.89
C GLY A 188 18.05 -4.53 -2.31
N LEU A 189 18.32 -3.36 -2.92
CA LEU A 189 17.89 -2.03 -2.51
C LEU A 189 16.86 -1.48 -3.48
N TYR A 190 16.18 -0.43 -3.04
CA TYR A 190 15.00 0.07 -3.71
C TYR A 190 15.27 1.42 -4.34
N SER A 191 14.56 1.71 -5.43
CA SER A 191 14.55 3.07 -5.96
C SER A 191 13.16 3.41 -6.47
N LEU A 192 12.74 4.67 -6.24
CA LEU A 192 11.48 5.16 -6.76
C LEU A 192 11.63 6.64 -7.11
N SER A 193 10.58 7.18 -7.74
CA SER A 193 10.61 8.53 -8.26
C SER A 193 9.24 9.17 -8.07
N SER A 194 9.24 10.50 -7.92
CA SER A 194 8.05 11.32 -7.72
C SER A 194 8.09 12.48 -8.69
N VAL A 195 6.98 12.75 -9.37
CA VAL A 195 6.97 13.63 -10.53
C VAL A 195 5.75 14.55 -10.46
N VAL A 196 5.98 15.85 -10.69
CA VAL A 196 4.93 16.86 -10.73
C VAL A 196 4.81 17.32 -12.17
N THR A 197 3.63 17.14 -12.77
CA THR A 197 3.33 17.71 -14.09
C THR A 197 2.66 19.07 -13.88
N VAL A 198 3.42 20.14 -14.08
CA VAL A 198 2.96 21.54 -14.03
C VAL A 198 3.04 22.15 -15.43
N PRO A 199 2.72 23.44 -15.64
CA PRO A 199 2.91 24.02 -16.98
C PRO A 199 3.81 25.25 -17.02
N SER A 200 3.39 26.25 -17.81
CA SER A 200 3.99 27.59 -17.81
C SER A 200 2.92 28.61 -18.22
N SER A 201 3.10 29.87 -17.84
CA SER A 201 4.30 30.46 -17.23
C SER A 201 4.60 30.03 -15.78
N SER A 202 5.54 29.10 -15.62
CA SER A 202 6.05 28.72 -14.31
C SER A 202 7.56 28.58 -14.37
N LEU A 203 8.10 27.55 -13.72
CA LEU A 203 9.51 27.21 -13.80
C LEU A 203 10.41 28.31 -13.27
N GLY A 204 10.23 29.55 -13.73
CA GLY A 204 11.10 30.63 -13.31
C GLY A 204 10.82 31.11 -11.89
N THR A 205 9.56 31.13 -11.50
CA THR A 205 9.15 31.75 -10.23
C THR A 205 9.21 30.76 -9.08
N GLN A 206 8.31 29.78 -9.12
CA GLN A 206 8.17 28.80 -8.04
C GLN A 206 9.51 28.17 -7.68
N THR A 207 9.67 27.89 -6.40
CA THR A 207 10.64 26.95 -5.91
C THR A 207 9.94 25.62 -5.71
N TYR A 208 10.62 24.53 -6.07
CA TYR A 208 10.02 23.20 -5.97
C TYR A 208 10.95 22.31 -5.16
N ILE A 209 10.54 21.98 -3.95
CA ILE A 209 11.28 21.07 -3.07
C ILE A 209 10.50 19.78 -2.96
N CYS A 210 11.17 18.65 -3.11
CA CYS A 210 10.57 17.39 -2.75
C CYS A 210 11.04 16.98 -1.36
N ASN A 211 10.15 16.36 -0.60
CA ASN A 211 10.39 16.04 0.81
C ASN A 211 10.29 14.54 0.97
N VAL A 212 11.44 13.90 1.19
CA VAL A 212 11.55 12.45 1.19
C VAL A 212 11.79 12.01 2.63
N ASN A 213 10.81 11.35 3.22
CA ASN A 213 10.99 10.68 4.48
C ASN A 213 11.14 9.19 4.22
N HIS A 214 12.21 8.62 4.74
CA HIS A 214 12.43 7.17 4.75
C HIS A 214 12.41 6.81 6.24
N LYS A 215 11.20 6.55 6.74
CA LYS A 215 11.04 6.30 8.17
C LYS A 215 11.91 5.15 8.68
N PRO A 216 12.15 4.07 7.91
CA PRO A 216 12.97 2.97 8.46
C PRO A 216 14.39 3.36 8.84
N SER A 217 14.95 4.43 8.26
CA SER A 217 16.29 4.89 8.58
C SER A 217 16.28 6.24 9.29
N ASN A 218 15.10 6.76 9.65
CA ASN A 218 14.97 8.06 10.32
C ASN A 218 15.57 9.19 9.49
N THR A 219 15.50 9.07 8.15
CA THR A 219 16.17 9.98 7.23
C THR A 219 15.16 10.86 6.52
N LYS A 220 15.36 12.18 6.63
CA LYS A 220 14.51 13.15 5.96
C LYS A 220 15.40 14.06 5.14
N VAL A 221 15.12 14.18 3.84
CA VAL A 221 15.91 14.97 2.92
C VAL A 221 14.97 15.88 2.11
N ASP A 222 15.32 17.16 2.04
CA ASP A 222 14.69 18.08 1.10
C ASP A 222 15.64 18.33 -0.06
N LYS A 223 15.09 18.51 -1.26
CA LYS A 223 15.89 18.75 -2.46
C LYS A 223 15.17 19.68 -3.42
N ARG A 224 15.82 20.81 -3.75
CA ARG A 224 15.33 21.75 -4.75
C ARG A 224 15.83 21.36 -6.14
N VAL A 225 14.95 21.45 -7.14
CA VAL A 225 15.27 21.10 -8.52
C VAL A 225 16.05 22.25 -9.18
N GLU A 226 15.73 22.59 -10.47
CA GLU A 226 16.39 23.55 -11.38
C GLU A 226 17.57 22.89 -12.11
N PRO A 227 17.96 23.35 -13.36
CA PRO A 227 18.95 22.60 -14.15
C PRO A 227 20.34 23.23 -14.28
N LYS A 228 21.38 22.39 -14.42
CA LYS A 228 22.74 22.87 -14.68
C LYS A 228 23.38 22.12 -15.86
N GLN B 1 -11.81 -26.86 9.65
CA GLN B 1 -13.22 -26.83 10.09
C GLN B 1 -13.58 -25.58 10.90
N ALA B 2 -12.61 -25.00 11.61
CA ALA B 2 -12.80 -23.71 12.27
C ALA B 2 -12.10 -22.60 11.46
N VAL B 3 -12.68 -22.37 10.28
CA VAL B 3 -12.01 -21.64 9.22
C VAL B 3 -13.11 -21.24 8.24
N VAL B 4 -12.92 -20.11 7.55
CA VAL B 4 -13.93 -19.69 6.58
C VAL B 4 -13.27 -19.46 5.24
N THR B 5 -14.10 -19.52 4.21
CA THR B 5 -13.69 -19.71 2.84
C THR B 5 -14.53 -18.83 1.93
N GLN B 6 -13.90 -18.24 0.93
CA GLN B 6 -14.62 -17.50 -0.09
C GLN B 6 -13.97 -17.71 -1.45
N PRO B 7 -14.72 -17.50 -2.53
CA PRO B 7 -14.14 -17.64 -3.86
C PRO B 7 -13.04 -16.64 -4.05
N PRO B 8 -11.93 -17.05 -4.67
CA PRO B 8 -10.84 -16.11 -4.89
C PRO B 8 -11.05 -15.13 -6.03
N SER B 9 -12.16 -15.22 -6.76
CA SER B 9 -12.40 -14.32 -7.88
C SER B 9 -13.88 -14.04 -8.06
N ALA B 10 -14.18 -12.85 -8.54
CA ALA B 10 -15.47 -12.56 -9.12
C ALA B 10 -15.25 -11.49 -10.19
N SER B 11 -16.27 -11.25 -11.03
CA SER B 11 -16.09 -10.43 -12.23
C SER B 11 -17.39 -9.71 -12.59
N GLY B 12 -17.32 -8.87 -13.61
CA GLY B 12 -18.50 -8.12 -13.96
C GLY B 12 -18.19 -6.83 -14.71
N THR B 13 -19.24 -6.34 -15.34
CA THR B 13 -19.48 -5.19 -16.18
C THR B 13 -20.25 -4.14 -15.40
N PRO B 14 -19.90 -2.85 -15.53
CA PRO B 14 -20.61 -1.81 -14.79
C PRO B 14 -22.13 -1.91 -14.93
N GLY B 15 -22.84 -1.54 -13.86
CA GLY B 15 -24.29 -1.66 -13.81
C GLY B 15 -24.80 -3.02 -13.41
N GLN B 16 -23.95 -4.05 -13.41
CA GLN B 16 -24.30 -5.43 -13.09
C GLN B 16 -24.68 -5.55 -11.60
N ARG B 17 -24.92 -6.79 -11.16
CA ARG B 17 -25.05 -7.12 -9.74
C ARG B 17 -24.31 -8.44 -9.50
N VAL B 18 -23.24 -8.39 -8.69
CA VAL B 18 -22.40 -9.54 -8.38
C VAL B 18 -22.51 -9.86 -6.91
N THR B 19 -22.29 -11.13 -6.56
CA THR B 19 -22.44 -11.62 -5.20
C THR B 19 -21.25 -12.50 -4.83
N ILE B 20 -20.75 -12.33 -3.61
CA ILE B 20 -19.54 -13.00 -3.14
C ILE B 20 -19.93 -13.88 -1.95
N SER B 21 -19.63 -15.17 -2.04
CA SER B 21 -19.96 -16.12 -0.99
C SER B 21 -18.96 -16.05 0.15
N CYS B 22 -19.40 -16.47 1.34
CA CYS B 22 -18.49 -16.69 2.45
C CYS B 22 -19.03 -17.89 3.22
N SER B 23 -18.22 -18.92 3.40
CA SER B 23 -18.69 -20.21 3.86
C SER B 23 -17.90 -20.65 5.07
N GLY B 24 -18.60 -21.07 6.12
CA GLY B 24 -17.99 -21.46 7.36
C GLY B 24 -18.64 -22.70 7.92
N SER B 25 -18.87 -22.73 9.22
CA SER B 25 -19.33 -23.94 9.88
C SER B 25 -20.09 -23.56 11.14
N SER B 26 -20.34 -24.56 11.98
CA SER B 26 -21.18 -24.32 13.14
C SER B 26 -20.55 -23.34 14.11
N SER B 27 -19.26 -23.47 14.39
CA SER B 27 -18.68 -22.69 15.48
C SER B 27 -18.42 -21.23 15.09
N ASN B 28 -18.57 -20.86 13.80
CA ASN B 28 -18.29 -19.50 13.34
C ASN B 28 -19.56 -18.98 12.69
N ILE B 29 -19.67 -19.03 11.35
CA ILE B 29 -20.81 -18.40 10.68
C ILE B 29 -22.13 -18.94 11.24
N GLY B 30 -22.19 -20.24 11.51
CA GLY B 30 -23.40 -20.82 12.06
C GLY B 30 -23.94 -20.07 13.25
N SER B 31 -23.08 -19.78 14.23
CA SER B 31 -23.48 -19.26 15.53
C SER B 31 -23.15 -17.77 15.72
N ASN B 32 -22.83 -17.04 14.66
CA ASN B 32 -22.32 -15.69 14.83
C ASN B 32 -22.66 -14.85 13.60
N THR B 33 -22.60 -13.53 13.77
CA THR B 33 -22.87 -12.64 12.66
C THR B 33 -21.63 -12.49 11.79
N VAL B 34 -21.76 -11.75 10.70
CA VAL B 34 -20.71 -11.66 9.70
C VAL B 34 -20.41 -10.19 9.38
N ASN B 35 -19.13 -9.87 9.17
CA ASN B 35 -18.71 -8.56 8.69
C ASN B 35 -18.00 -8.69 7.34
N TRP B 36 -18.01 -7.60 6.57
CA TRP B 36 -17.38 -7.57 5.25
C TRP B 36 -16.54 -6.31 5.12
N TYR B 37 -15.33 -6.45 4.57
CA TYR B 37 -14.37 -5.35 4.43
C TYR B 37 -13.93 -5.22 2.99
N GLN B 38 -13.87 -3.98 2.49
CA GLN B 38 -13.31 -3.69 1.18
C GLN B 38 -11.91 -3.11 1.32
N GLN B 39 -11.02 -3.42 0.37
CA GLN B 39 -9.65 -2.92 0.40
C GLN B 39 -9.17 -2.51 -0.98
N LEU B 40 -9.05 -1.20 -1.23
CA LEU B 40 -8.54 -0.69 -2.49
C LEU B 40 -7.02 -0.73 -2.48
N PRO B 41 -6.38 -0.79 -3.66
CA PRO B 41 -4.91 -0.89 -3.67
C PRO B 41 -4.26 0.26 -2.92
N GLY B 42 -3.07 -0.02 -2.37
CA GLY B 42 -2.33 0.95 -1.60
C GLY B 42 -3.10 1.50 -0.41
N LEU B 43 -4.15 0.80 0.03
CA LEU B 43 -4.96 1.31 1.12
C LEU B 43 -5.19 0.22 2.16
N ALA B 44 -5.91 0.59 3.17
CA ALA B 44 -6.34 -0.10 4.37
C ALA B 44 -7.75 -0.63 4.19
N PRO B 45 -8.10 -1.70 4.87
CA PRO B 45 -9.47 -2.19 4.80
C PRO B 45 -10.46 -1.22 5.44
N LYS B 46 -11.70 -1.31 4.98
CA LYS B 46 -12.79 -0.48 5.44
C LYS B 46 -13.93 -1.38 5.88
N LEU B 47 -14.56 -1.04 7.00
CA LEU B 47 -15.81 -1.70 7.34
C LEU B 47 -16.86 -1.40 6.27
N LEU B 48 -17.31 -2.44 5.57
CA LEU B 48 -18.36 -2.30 4.57
C LEU B 48 -19.72 -2.70 5.11
N ILE B 49 -19.82 -3.86 5.75
CA ILE B 49 -21.07 -4.40 6.26
C ILE B 49 -20.79 -5.01 7.63
N TYR B 50 -21.70 -4.81 8.58
CA TYR B 50 -21.57 -5.36 9.92
C TYR B 50 -22.90 -5.95 10.38
N SER B 51 -22.83 -6.77 11.43
CA SER B 51 -23.97 -7.57 11.90
C SER B 51 -24.77 -8.15 10.74
N SER B 52 -24.05 -8.70 9.76
CA SER B 52 -24.59 -9.40 8.60
C SER B 52 -25.25 -8.48 7.57
N ASN B 53 -25.94 -7.42 8.01
CA ASN B 53 -26.79 -6.68 7.08
C ASN B 53 -26.81 -5.18 7.31
N GLN B 54 -26.17 -4.71 8.39
CA GLN B 54 -26.18 -3.30 8.70
C GLN B 54 -25.11 -2.57 7.89
N ARG B 55 -25.26 -1.24 7.78
CA ARG B 55 -24.30 -0.46 7.02
C ARG B 55 -23.65 0.62 7.89
N PRO B 56 -22.33 0.79 7.78
CA PRO B 56 -21.70 1.97 8.36
C PRO B 56 -22.09 3.22 7.59
N SER B 57 -21.86 4.37 8.25
CA SER B 57 -22.50 5.61 7.84
C SER B 57 -22.16 6.04 6.42
N GLY B 58 -21.03 5.61 5.86
CA GLY B 58 -20.63 6.07 4.53
C GLY B 58 -20.92 5.10 3.40
N VAL B 59 -21.29 3.87 3.73
CA VAL B 59 -21.35 2.81 2.73
C VAL B 59 -22.56 3.01 1.83
N PRO B 60 -22.35 3.17 0.51
CA PRO B 60 -23.48 3.34 -0.43
C PRO B 60 -24.54 2.27 -0.26
N ASP B 61 -25.72 2.53 -0.78
CA ASP B 61 -26.89 1.70 -0.51
C ASP B 61 -26.86 0.36 -1.25
N ARG B 62 -26.14 0.27 -2.36
CA ARG B 62 -26.14 -0.96 -3.14
C ARG B 62 -25.41 -2.12 -2.46
N PHE B 63 -24.56 -1.85 -1.45
CA PHE B 63 -23.91 -2.91 -0.69
C PHE B 63 -24.87 -3.44 0.37
N SER B 64 -25.11 -4.75 0.36
CA SER B 64 -26.01 -5.41 1.31
C SER B 64 -25.50 -6.82 1.61
N GLY B 65 -25.85 -7.32 2.79
CA GLY B 65 -25.38 -8.63 3.22
C GLY B 65 -26.52 -9.54 3.60
N SER B 66 -26.24 -10.84 3.55
CA SER B 66 -27.15 -11.87 4.04
C SER B 66 -26.34 -12.94 4.75
N LYS B 67 -27.00 -13.63 5.67
CA LYS B 67 -26.49 -14.84 6.28
C LYS B 67 -27.63 -15.85 6.31
N SER B 68 -27.29 -17.14 6.27
CA SER B 68 -28.25 -18.22 6.44
C SER B 68 -27.52 -19.56 6.51
N GLY B 69 -27.76 -20.32 7.57
CA GLY B 69 -27.01 -21.55 7.74
C GLY B 69 -25.59 -21.21 8.11
N THR B 70 -24.65 -21.82 7.40
CA THR B 70 -23.22 -21.61 7.56
C THR B 70 -22.62 -20.77 6.43
N SER B 71 -23.42 -19.92 5.80
CA SER B 71 -22.94 -19.15 4.64
C SER B 71 -23.49 -17.73 4.70
N ALA B 72 -22.69 -16.80 4.19
CA ALA B 72 -23.08 -15.40 4.08
C ALA B 72 -22.83 -14.92 2.65
N SER B 73 -23.41 -13.78 2.30
CA SER B 73 -23.21 -13.28 0.95
C SER B 73 -23.19 -11.77 0.97
N LEU B 74 -22.17 -11.19 0.34
CA LEU B 74 -22.16 -9.77 0.04
C LEU B 74 -22.67 -9.59 -1.37
N ALA B 75 -23.56 -8.62 -1.55
CA ALA B 75 -24.17 -8.35 -2.84
C ALA B 75 -23.97 -6.88 -3.19
N ILE B 76 -23.36 -6.63 -4.34
CA ILE B 76 -23.18 -5.28 -4.88
C ILE B 76 -24.11 -5.13 -6.07
N SER B 77 -25.08 -4.24 -5.96
CA SER B 77 -25.89 -3.87 -7.11
C SER B 77 -25.28 -2.66 -7.80
N GLY B 78 -25.44 -2.58 -9.12
CA GLY B 78 -24.93 -1.45 -9.87
C GLY B 78 -23.42 -1.30 -9.77
N LEU B 79 -22.72 -2.30 -10.29
CA LEU B 79 -21.27 -2.34 -10.23
C LEU B 79 -20.67 -1.05 -10.76
N GLN B 80 -19.72 -0.50 -10.02
CA GLN B 80 -19.01 0.70 -10.45
C GLN B 80 -17.53 0.40 -10.52
N SER B 81 -16.82 1.11 -11.38
CA SER B 81 -15.39 0.88 -11.46
C SER B 81 -14.71 1.22 -10.15
N GLU B 82 -15.36 2.02 -9.30
CA GLU B 82 -14.85 2.26 -7.95
C GLU B 82 -14.66 0.94 -7.21
N ASP B 83 -15.56 -0.01 -7.46
CA ASP B 83 -15.72 -1.20 -6.63
C ASP B 83 -14.67 -2.27 -6.92
N GLU B 84 -13.94 -2.16 -8.03
CA GLU B 84 -12.86 -3.09 -8.26
C GLU B 84 -11.89 -3.14 -7.07
N ALA B 85 -11.99 -4.19 -6.25
CA ALA B 85 -11.19 -4.34 -5.04
C ALA B 85 -11.21 -5.79 -4.55
N HIS B 86 -10.42 -6.05 -3.50
CA HIS B 86 -10.48 -7.27 -2.70
C HIS B 86 -11.58 -7.17 -1.63
N TYR B 87 -12.37 -8.24 -1.47
CA TYR B 87 -13.49 -8.24 -0.52
C TYR B 87 -13.33 -9.42 0.46
N TYR B 88 -13.12 -9.11 1.74
CA TYR B 88 -12.93 -10.09 2.81
C TYR B 88 -14.21 -10.21 3.65
N CYS B 89 -14.53 -11.43 4.07
CA CYS B 89 -15.52 -11.65 5.11
C CYS B 89 -14.81 -11.98 6.43
N ALA B 90 -15.39 -11.53 7.53
CA ALA B 90 -14.89 -11.86 8.86
C ALA B 90 -16.04 -12.25 9.77
N THR B 91 -15.77 -13.16 10.69
CA THR B 91 -16.74 -13.51 11.72
C THR B 91 -15.96 -13.79 13.00
N TRP B 92 -16.61 -14.43 13.98
CA TRP B 92 -15.99 -14.85 15.22
C TRP B 92 -16.20 -16.35 15.35
N ASP B 93 -15.21 -17.07 15.85
CA ASP B 93 -15.32 -18.52 15.96
C ASP B 93 -15.37 -18.88 17.44
N ASP B 94 -16.38 -19.65 17.82
CA ASP B 94 -16.50 -19.93 19.24
C ASP B 94 -15.46 -20.93 19.69
N SER B 95 -14.97 -21.76 18.77
CA SER B 95 -14.03 -22.82 19.12
C SER B 95 -12.62 -22.28 19.35
N LEU B 96 -12.24 -21.25 18.60
CA LEU B 96 -10.96 -20.59 18.73
C LEU B 96 -11.07 -19.31 19.54
N ASN B 97 -12.29 -18.86 19.84
CA ASN B 97 -12.57 -17.70 20.70
C ASN B 97 -11.85 -16.46 20.20
N GLY B 98 -12.14 -16.11 18.96
CA GLY B 98 -11.45 -15.00 18.32
C GLY B 98 -11.95 -14.82 16.90
N VAL B 99 -11.39 -13.80 16.25
CA VAL B 99 -11.79 -13.35 14.92
C VAL B 99 -11.10 -14.19 13.85
N ILE B 100 -11.87 -14.67 12.85
CA ILE B 100 -11.27 -15.30 11.68
C ILE B 100 -11.67 -14.54 10.41
N PHE B 101 -10.82 -14.69 9.40
CA PHE B 101 -11.03 -14.10 8.09
C PHE B 101 -11.16 -15.19 7.04
N GLY B 102 -11.90 -14.91 5.98
CA GLY B 102 -11.77 -15.64 4.76
C GLY B 102 -10.54 -15.21 3.99
N GLY B 103 -10.24 -15.93 2.92
CA GLY B 103 -9.09 -15.70 2.10
C GLY B 103 -9.23 -14.58 1.13
N GLY B 104 -10.36 -13.88 1.14
CA GLY B 104 -10.58 -12.77 0.24
C GLY B 104 -10.96 -13.19 -1.18
N THR B 105 -11.52 -12.23 -1.90
CA THR B 105 -12.00 -12.36 -3.27
C THR B 105 -11.53 -11.12 -4.04
N LYS B 106 -10.81 -11.30 -5.14
CA LYS B 106 -10.50 -10.18 -6.04
C LYS B 106 -11.68 -9.96 -6.97
N LEU B 107 -12.27 -8.77 -6.94
CA LEU B 107 -13.36 -8.43 -7.83
C LEU B 107 -12.81 -7.57 -8.97
N THR B 108 -12.74 -8.14 -10.16
CA THR B 108 -12.35 -7.39 -11.34
C THR B 108 -13.60 -6.83 -12.00
N VAL B 109 -13.56 -5.53 -12.34
CA VAL B 109 -14.58 -4.92 -13.19
C VAL B 109 -13.95 -4.63 -14.54
N LEU B 110 -14.47 -5.26 -15.57
CA LEU B 110 -13.91 -5.12 -16.89
C LEU B 110 -14.99 -4.58 -17.83
N GLY B 111 -14.65 -4.55 -19.12
CA GLY B 111 -15.34 -3.71 -20.07
C GLY B 111 -14.83 -2.29 -20.07
N GLN B 112 -13.92 -1.95 -19.16
CA GLN B 112 -13.38 -0.61 -19.12
C GLN B 112 -12.42 -0.41 -20.29
N PRO B 113 -12.31 0.83 -20.79
CA PRO B 113 -11.64 1.04 -22.07
C PRO B 113 -10.13 0.87 -21.96
N LYS B 114 -9.53 0.51 -23.08
CA LYS B 114 -8.08 0.58 -23.21
C LYS B 114 -7.59 1.97 -22.85
N ALA B 115 -6.38 2.04 -22.28
CA ALA B 115 -5.74 3.32 -22.03
C ALA B 115 -4.30 3.21 -22.47
N ALA B 116 -3.83 4.22 -23.21
CA ALA B 116 -2.47 4.19 -23.72
C ALA B 116 -1.53 4.88 -22.75
N PRO B 117 -0.36 4.28 -22.55
CA PRO B 117 0.62 4.82 -21.59
C PRO B 117 1.06 6.22 -21.95
N SER B 118 0.82 7.16 -21.05
CA SER B 118 1.60 8.38 -21.06
C SER B 118 2.99 8.08 -20.51
N VAL B 119 4.00 8.67 -21.14
CA VAL B 119 5.40 8.33 -20.87
C VAL B 119 6.19 9.61 -20.64
N THR B 120 7.06 9.58 -19.63
CA THR B 120 7.96 10.65 -19.28
C THR B 120 9.35 10.05 -19.04
N LEU B 121 10.40 10.70 -19.57
CA LEU B 121 11.76 10.25 -19.41
C LEU B 121 12.64 11.42 -18.93
N PHE B 122 13.76 11.06 -18.30
CA PHE B 122 14.62 11.96 -17.55
C PHE B 122 16.07 11.57 -17.67
N PRO B 123 16.97 12.51 -17.93
CA PRO B 123 18.39 12.21 -17.95
C PRO B 123 18.93 12.22 -16.53
N PRO B 124 20.20 11.84 -16.32
CA PRO B 124 20.79 12.00 -14.98
C PRO B 124 20.98 13.47 -14.66
N SER B 125 21.39 13.76 -13.43
CA SER B 125 21.46 15.13 -12.94
C SER B 125 22.91 15.54 -12.71
N SER B 126 23.19 16.82 -12.97
CA SER B 126 24.49 17.40 -12.69
C SER B 126 24.80 17.31 -11.20
N GLU B 127 24.60 16.12 -10.62
CA GLU B 127 24.77 15.88 -9.19
C GLU B 127 25.02 14.39 -8.94
N GLU B 128 24.18 13.54 -9.52
CA GLU B 128 24.47 12.12 -9.59
C GLU B 128 25.63 11.86 -10.53
N LEU B 129 25.92 12.81 -11.42
CA LEU B 129 27.14 12.77 -12.21
C LEU B 129 28.37 13.11 -11.36
N GLN B 130 28.45 14.35 -10.85
CA GLN B 130 29.63 14.75 -10.09
C GLN B 130 29.65 14.11 -8.70
N ALA B 131 28.91 13.02 -8.55
CA ALA B 131 29.19 11.99 -7.54
C ALA B 131 29.78 10.74 -8.16
N ASN B 132 29.42 10.44 -9.42
CA ASN B 132 30.01 9.45 -10.34
C ASN B 132 29.15 8.21 -10.55
N LYS B 133 27.83 8.39 -10.66
CA LYS B 133 26.93 7.38 -11.22
C LYS B 133 26.08 8.01 -12.30
N ALA B 134 25.12 7.26 -12.83
CA ALA B 134 24.18 7.82 -13.79
C ALA B 134 22.96 6.91 -13.84
N THR B 135 21.78 7.52 -13.87
CA THR B 135 20.54 6.78 -14.01
C THR B 135 19.58 7.58 -14.86
N LEU B 136 19.07 6.94 -15.89
CA LEU B 136 17.95 7.41 -16.66
C LEU B 136 16.70 6.75 -16.12
N VAL B 137 15.66 7.53 -15.88
CA VAL B 137 14.44 7.03 -15.29
C VAL B 137 13.34 7.19 -16.31
N CYS B 138 12.47 6.19 -16.40
CA CYS B 138 11.42 6.16 -17.41
C CYS B 138 10.12 5.81 -16.73
N LEU B 139 9.16 6.74 -16.76
CA LEU B 139 7.94 6.70 -15.96
C LEU B 139 6.74 6.55 -16.87
N ILE B 140 5.99 5.46 -16.70
CA ILE B 140 4.93 5.03 -17.61
C ILE B 140 3.65 4.92 -16.79
N SER B 141 2.63 5.69 -17.17
CA SER B 141 1.45 5.82 -16.31
C SER B 141 0.15 5.80 -17.11
N ASP B 142 -0.94 5.50 -16.40
CA ASP B 142 -2.31 5.65 -16.90
C ASP B 142 -2.54 4.86 -18.20
N PHE B 143 -2.32 3.55 -18.11
CA PHE B 143 -2.52 2.62 -19.22
C PHE B 143 -3.25 1.37 -18.72
N TYR B 144 -4.32 0.98 -19.43
CA TYR B 144 -5.04 -0.26 -19.18
C TYR B 144 -5.06 -1.11 -20.45
N PRO B 145 -4.79 -2.44 -20.35
CA PRO B 145 -4.47 -3.26 -19.19
C PRO B 145 -3.00 -3.14 -18.78
N GLY B 146 -2.63 -3.60 -17.58
CA GLY B 146 -1.26 -3.46 -17.11
C GLY B 146 -0.25 -4.37 -17.79
N ALA B 147 0.11 -4.05 -19.03
CA ALA B 147 0.86 -4.99 -19.85
C ALA B 147 1.70 -4.19 -20.85
N VAL B 148 2.99 -4.05 -20.57
CA VAL B 148 3.88 -3.27 -21.42
C VAL B 148 5.25 -3.94 -21.53
N THR B 149 6.00 -3.52 -22.52
CA THR B 149 7.41 -3.80 -22.58
C THR B 149 8.16 -2.50 -22.77
N VAL B 150 9.42 -2.50 -22.37
CA VAL B 150 10.24 -1.31 -22.40
C VAL B 150 11.55 -1.67 -23.09
N ALA B 151 11.74 -1.15 -24.29
CA ALA B 151 13.02 -1.29 -24.96
C ALA B 151 13.81 -0.01 -24.77
N TRP B 152 15.10 -0.18 -24.51
CA TRP B 152 16.06 0.90 -24.48
C TRP B 152 16.98 0.79 -25.70
N LYS B 153 17.41 1.95 -26.22
CA LYS B 153 18.31 1.99 -27.36
C LYS B 153 19.38 3.05 -27.14
N ALA B 154 20.63 2.73 -27.54
CA ALA B 154 21.77 3.64 -27.46
C ALA B 154 21.92 4.56 -28.66
N ASP B 155 21.41 4.16 -29.82
CA ASP B 155 21.20 5.01 -30.98
C ASP B 155 20.13 4.28 -31.78
N SER B 156 20.31 2.97 -31.88
CA SER B 156 19.25 1.97 -31.93
C SER B 156 19.84 0.75 -31.25
N SER B 157 21.17 0.79 -31.10
CA SER B 157 21.88 -0.23 -30.34
C SER B 157 21.01 -0.55 -29.13
N PRO B 158 20.07 -1.50 -29.24
CA PRO B 158 19.20 -1.79 -28.11
C PRO B 158 20.02 -2.20 -26.89
N VAL B 159 20.12 -1.30 -25.90
CA VAL B 159 20.88 -1.61 -24.69
C VAL B 159 19.99 -2.42 -23.76
N LYS B 160 20.55 -3.50 -23.24
CA LYS B 160 19.86 -4.36 -22.30
C LYS B 160 20.57 -4.46 -20.95
N ALA B 161 21.82 -4.02 -20.86
CA ALA B 161 22.55 -4.07 -19.61
C ALA B 161 22.04 -3.01 -18.64
N GLY B 162 21.95 -3.39 -17.37
CA GLY B 162 21.63 -2.44 -16.30
C GLY B 162 20.23 -1.87 -16.33
N VAL B 163 19.24 -2.66 -16.76
CA VAL B 163 17.86 -2.22 -16.95
C VAL B 163 17.01 -2.89 -15.86
N GLU B 164 16.48 -2.06 -14.94
CA GLU B 164 15.53 -2.50 -13.94
C GLU B 164 14.17 -1.97 -14.35
N THR B 165 13.22 -2.86 -14.61
CA THR B 165 11.85 -2.47 -14.93
C THR B 165 10.91 -3.09 -13.92
N THR B 166 10.18 -2.24 -13.20
CA THR B 166 9.19 -2.71 -12.24
C THR B 166 8.12 -3.54 -12.94
N THR B 167 7.36 -4.23 -12.16
CA THR B 167 6.10 -4.74 -12.67
C THR B 167 5.03 -3.66 -12.56
N PRO B 168 4.05 -3.65 -13.47
CA PRO B 168 2.91 -2.72 -13.34
C PRO B 168 2.13 -2.95 -12.05
N SER B 169 1.67 -1.86 -11.43
CA SER B 169 0.87 -1.91 -10.22
C SER B 169 -0.39 -1.08 -10.44
N LYS B 170 -1.40 -1.33 -9.59
CA LYS B 170 -2.77 -0.88 -9.81
C LYS B 170 -2.93 0.52 -9.25
N GLN B 171 -2.97 1.51 -10.13
CA GLN B 171 -3.23 2.89 -9.72
C GLN B 171 -4.63 3.03 -9.12
N SER B 172 -4.82 4.16 -8.42
CA SER B 172 -6.10 4.42 -7.73
C SER B 172 -7.29 4.36 -8.69
N ASN B 173 -7.16 4.97 -9.86
CA ASN B 173 -8.25 5.05 -10.83
C ASN B 173 -8.54 3.71 -11.48
N ASN B 174 -7.79 2.66 -11.14
CA ASN B 174 -7.84 1.26 -11.61
C ASN B 174 -7.15 1.10 -12.95
N LYS B 175 -6.50 2.13 -13.50
CA LYS B 175 -5.51 1.98 -14.55
C LYS B 175 -4.16 1.63 -13.89
N TYR B 176 -3.05 1.68 -14.64
CA TYR B 176 -1.79 1.10 -14.14
C TYR B 176 -0.60 2.04 -14.33
N ALA B 177 0.48 1.72 -13.62
CA ALA B 177 1.72 2.50 -13.61
C ALA B 177 2.94 1.60 -13.43
N ALA B 178 4.03 1.95 -14.12
CA ALA B 178 5.30 1.25 -13.99
C ALA B 178 6.42 2.18 -14.41
N SER B 179 7.65 1.84 -13.98
CA SER B 179 8.79 2.68 -14.32
C SER B 179 10.00 1.81 -14.65
N SER B 180 10.90 2.33 -15.49
CA SER B 180 12.09 1.60 -15.91
C SER B 180 13.35 2.44 -15.67
N TYR B 181 14.43 1.80 -15.22
CA TYR B 181 15.64 2.49 -14.79
C TYR B 181 16.84 1.92 -15.54
N LEU B 182 17.40 2.73 -16.43
CA LEU B 182 18.62 2.40 -17.18
C LEU B 182 19.83 2.97 -16.44
N SER B 183 20.61 2.09 -15.81
CA SER B 183 21.82 2.55 -15.14
C SER B 183 23.03 2.39 -16.06
N LEU B 184 23.92 3.39 -16.02
CA LEU B 184 25.22 3.30 -16.68
C LEU B 184 26.19 4.23 -15.97
N THR B 185 27.48 4.31 -16.52
CA THR B 185 28.55 5.02 -15.83
C THR B 185 28.65 6.46 -16.34
N PRO B 186 29.17 7.37 -15.49
CA PRO B 186 29.19 8.80 -15.86
C PRO B 186 29.72 9.08 -17.26
N GLU B 187 30.90 8.55 -17.60
CA GLU B 187 31.42 8.79 -18.93
C GLU B 187 30.69 7.97 -19.99
N GLN B 188 30.13 6.82 -19.62
CA GLN B 188 29.23 6.13 -20.53
C GLN B 188 28.07 7.00 -20.98
N TRP B 189 27.81 8.11 -20.30
CA TRP B 189 26.69 9.00 -20.57
C TRP B 189 27.05 10.08 -21.59
N LYS B 190 28.15 10.84 -21.37
CA LYS B 190 28.59 11.87 -22.30
C LYS B 190 29.41 11.29 -23.47
N SER B 191 29.50 9.96 -23.57
CA SER B 191 30.19 9.28 -24.68
C SER B 191 29.25 9.12 -25.87
N HIS B 192 28.20 8.31 -25.70
CA HIS B 192 27.15 8.25 -26.71
C HIS B 192 26.55 9.64 -26.89
N ARG B 193 25.62 9.79 -27.83
CA ARG B 193 24.99 11.09 -28.04
C ARG B 193 23.55 11.18 -27.54
N SER B 194 22.81 10.05 -27.51
CA SER B 194 21.41 10.03 -27.08
C SER B 194 20.92 8.61 -26.81
N TYR B 195 20.06 8.44 -25.79
CA TYR B 195 19.39 7.18 -25.46
C TYR B 195 17.86 7.33 -25.52
N SER B 196 17.17 6.25 -25.90
CA SER B 196 15.74 6.30 -26.15
C SER B 196 15.06 5.21 -25.34
N CYS B 197 14.00 5.58 -24.59
CA CYS B 197 13.16 4.64 -23.86
C CYS B 197 11.84 4.54 -24.60
N GLN B 198 11.53 3.34 -25.13
CA GLN B 198 10.34 3.08 -25.94
C GLN B 198 9.47 2.07 -25.21
N VAL B 199 8.14 2.25 -25.29
CA VAL B 199 7.18 1.50 -24.49
C VAL B 199 6.00 1.09 -25.37
N THR B 200 5.91 -0.20 -25.66
CA THR B 200 4.83 -0.77 -26.45
C THR B 200 3.66 -1.14 -25.53
N HIS B 201 2.46 -1.17 -26.11
CA HIS B 201 1.25 -1.56 -25.38
C HIS B 201 0.15 -1.88 -26.37
N GLU B 202 -0.37 -3.12 -26.31
CA GLU B 202 -1.45 -3.61 -27.17
C GLU B 202 -0.95 -3.90 -28.59
N GLY B 203 -0.06 -3.05 -29.09
CA GLY B 203 0.46 -3.18 -30.43
C GLY B 203 0.82 -1.83 -30.99
N SER B 204 0.71 -0.80 -30.13
CA SER B 204 1.05 0.57 -30.48
C SER B 204 2.16 1.03 -29.54
N THR B 205 3.25 1.54 -30.12
CA THR B 205 4.46 1.90 -29.40
C THR B 205 4.52 3.40 -29.16
N VAL B 206 5.32 3.79 -28.15
CA VAL B 206 5.51 5.17 -27.70
C VAL B 206 6.99 5.39 -27.40
N GLU B 207 7.57 6.49 -27.87
CA GLU B 207 9.00 6.75 -27.67
C GLU B 207 9.28 8.19 -27.31
N LYS B 208 10.00 8.39 -26.20
CA LYS B 208 10.64 9.65 -25.87
C LYS B 208 12.14 9.40 -25.76
N THR B 209 12.94 10.46 -25.90
CA THR B 209 14.40 10.32 -25.93
C THR B 209 15.05 11.64 -25.49
N VAL B 210 16.22 11.54 -24.85
CA VAL B 210 16.95 12.70 -24.32
C VAL B 210 18.44 12.59 -24.62
N ALA B 211 19.16 13.73 -24.53
CA ALA B 211 20.60 13.80 -24.80
C ALA B 211 21.33 14.66 -23.78
N PRO B 212 22.69 14.69 -23.78
CA PRO B 212 23.39 15.56 -22.81
C PRO B 212 23.57 16.99 -23.28
N THR B 213 24.36 17.17 -24.34
CA THR B 213 24.57 18.47 -24.99
C THR B 213 24.95 19.59 -24.02
#